data_6BPD
#
_entry.id   6BPD
#
_cell.length_a   118.540
_cell.length_b   42.660
_cell.length_c   105.034
_cell.angle_alpha   90.000
_cell.angle_beta   122.030
_cell.angle_gamma   90.000
#
_symmetry.space_group_name_H-M   'C 1 2 1'
#
loop_
_entity.id
_entity.type
_entity.pdbx_description
1 polymer 'Monoclonal antibody 10B12 Fab heavy chain'
2 polymer 'Monoclonal antibody 10B12 Fab light chain'
3 water water
#
loop_
_entity_poly.entity_id
_entity_poly.type
_entity_poly.pdbx_seq_one_letter_code
_entity_poly.pdbx_strand_id
1 'polypeptide(L)'
;MGWSCIFLFLVSTAAGVHSQVQLQQPGAEFAMPGTSVKLSCKAAGYTFTSYWIHWLKQRPGQGLEWIGEIDPSDSYTNHN
QKFRGKSTLTADISSSTAYMQLSSLTSEDSAVYYCAAFYDYVRGVDFWGQGTTLTVSSAKTTPPSVYPLAPGCGDTTGSS
VTLGCLVKGYFPESVTVTWNSGSLSSSVHTFPALLQSGLYTMSSSVTVPSSTWPSETVTCSVAHPASSTTVDKKLEPS
;
A
2 'polypeptide(L)'
;MMSPAQFLFLLVLWIRETNGDVVMTQTPLTLSVTIGQPASMSCKSSQSLLDRDGKTYLNWFFWRPGQSPKRLIYLVSKLD
SGVPDRFTGGGSGTDFTLKINRVEAEDLGIYYCWQGTHFPQTFGGGTKLDIKRADAAPTVSIFPPSSEQLTSGGASVVCF
LNNFYPKDINVKWKIDGSERQNGVLNSWTDQDSKDSTYSMSSTLTLTKDEYERHNSYTCEATHKTSTSPIVKSFNRNEC
;
B
#
# COMPACT_ATOMS: atom_id res chain seq x y z
N VAL A 21 27.59 7.04 -5.36
CA VAL A 21 26.79 7.87 -4.47
C VAL A 21 25.58 7.10 -3.95
N GLN A 22 25.31 7.20 -2.65
CA GLN A 22 24.19 6.47 -2.07
C GLN A 22 23.86 7.02 -0.70
N LEU A 23 22.61 6.78 -0.30
CA LEU A 23 22.11 7.11 1.03
C LEU A 23 21.61 5.84 1.69
N GLN A 24 22.06 5.60 2.92
CA GLN A 24 21.79 4.35 3.61
C GLN A 24 20.76 4.57 4.72
N GLN A 25 19.62 3.90 4.59
CA GLN A 25 18.61 3.86 5.61
C GLN A 25 18.33 2.42 6.01
N PRO A 26 18.01 2.17 7.28
CA PRO A 26 17.63 0.82 7.67
C PRO A 26 16.29 0.43 7.05
N GLY A 27 16.11 -0.88 6.85
CA GLY A 27 14.90 -1.34 6.20
C GLY A 27 13.63 -1.07 7.00
N ALA A 28 13.69 -1.23 8.32
CA ALA A 28 12.49 -1.19 9.14
C ALA A 28 12.79 -0.63 10.53
N GLU A 29 11.80 0.08 11.08
CA GLU A 29 11.83 0.61 12.44
C GLU A 29 10.45 0.42 13.05
N PHE A 30 10.41 0.27 14.37
CA PHE A 30 9.16 0.07 15.09
C PHE A 30 9.09 1.02 16.28
N ALA A 31 7.87 1.35 16.70
CA ALA A 31 7.71 2.15 17.89
C ALA A 31 6.30 2.00 18.45
N MET A 32 6.19 1.95 19.78
CA MET A 32 4.91 1.98 20.44
C MET A 32 4.28 3.37 20.31
N PRO A 33 2.94 3.46 20.33
CA PRO A 33 2.29 4.78 20.21
C PRO A 33 2.74 5.69 21.35
N GLY A 34 2.87 6.99 21.05
CA GLY A 34 3.22 7.97 22.06
C GLY A 34 4.70 8.20 22.27
N THR A 35 5.56 7.29 21.80
CA THR A 35 7.01 7.40 21.96
C THR A 35 7.61 8.20 20.81
N SER A 36 8.95 8.25 20.77
CA SER A 36 9.70 8.86 19.67
C SER A 36 10.56 7.81 18.99
N VAL A 37 10.82 8.04 17.70
CA VAL A 37 11.71 7.20 16.91
C VAL A 37 12.69 8.09 16.16
N LYS A 38 13.95 7.65 16.09
CA LYS A 38 15.01 8.37 15.38
C LYS A 38 15.39 7.57 14.14
N LEU A 39 15.11 8.13 12.98
CA LEU A 39 15.41 7.49 11.71
C LEU A 39 16.75 8.00 11.18
N SER A 40 17.64 7.09 10.79
CA SER A 40 18.98 7.47 10.35
C SER A 40 19.11 7.41 8.83
N CYS A 41 20.02 8.24 8.29
CA CYS A 41 20.25 8.32 6.85
C CYS A 41 21.73 8.62 6.62
N LYS A 42 22.53 7.56 6.49
CA LYS A 42 23.97 7.68 6.31
C LYS A 42 24.36 7.94 4.85
N ALA A 43 25.32 8.85 4.65
CA ALA A 43 25.77 9.21 3.32
C ALA A 43 27.16 8.67 3.02
N ALA A 44 27.40 8.37 1.75
CA ALA A 44 28.70 7.92 1.28
C ALA A 44 28.82 8.23 -0.20
N GLY A 45 30.07 8.30 -0.66
CA GLY A 45 30.32 8.54 -2.07
C GLY A 45 30.18 9.96 -2.53
N TYR A 46 29.90 10.90 -1.62
CA TYR A 46 29.86 12.31 -1.95
C TYR A 46 30.09 13.12 -0.68
N THR A 47 30.54 14.35 -0.87
CA THR A 47 30.81 15.23 0.27
C THR A 47 29.50 15.61 0.93
N PHE A 48 29.39 15.29 2.23
CA PHE A 48 28.10 15.28 2.92
C PHE A 48 27.46 16.67 2.97
N THR A 49 28.26 17.72 3.02
CA THR A 49 27.77 19.08 3.23
C THR A 49 27.41 19.79 1.93
N SER A 50 27.51 19.13 0.79
CA SER A 50 27.25 19.79 -0.49
C SER A 50 25.81 19.61 -0.97
N TYR A 51 25.00 18.85 -0.25
CA TYR A 51 23.64 18.58 -0.69
C TYR A 51 22.71 18.77 0.48
N TRP A 52 21.61 19.46 0.26
CA TRP A 52 20.54 19.43 1.25
C TRP A 52 19.93 18.03 1.28
N ILE A 53 19.46 17.63 2.45
CA ILE A 53 18.84 16.33 2.65
C ILE A 53 17.37 16.55 3.00
N HIS A 54 16.49 16.01 2.16
CA HIS A 54 15.05 16.08 2.34
C HIS A 54 14.52 14.77 2.90
N TRP A 55 13.35 14.84 3.53
CA TRP A 55 12.67 13.66 4.05
C TRP A 55 11.26 13.61 3.49
N LEU A 56 10.80 12.39 3.16
CA LEU A 56 9.49 12.21 2.58
C LEU A 56 8.76 11.06 3.27
N LYS A 57 7.44 11.17 3.30
CA LYS A 57 6.58 10.18 3.92
C LYS A 57 5.67 9.59 2.84
N GLN A 58 5.41 8.30 2.94
CA GLN A 58 4.48 7.65 2.01
C GLN A 58 3.67 6.62 2.77
N ARG A 59 2.45 7.01 3.15
CA ARG A 59 1.50 6.05 3.67
C ARG A 59 1.03 5.13 2.54
N PRO A 60 0.71 3.87 2.85
CA PRO A 60 0.23 2.95 1.81
C PRO A 60 -0.95 3.51 1.03
N GLY A 61 -0.78 3.65 -0.29
CA GLY A 61 -1.83 4.19 -1.14
C GLY A 61 -2.24 5.62 -0.81
N GLN A 62 -1.25 6.49 -0.55
CA GLN A 62 -1.57 7.86 -0.11
C GLN A 62 -0.65 8.90 -0.70
N GLY A 63 -0.01 8.62 -1.84
CA GLY A 63 0.94 9.57 -2.42
C GLY A 63 2.17 9.73 -1.54
N LEU A 64 3.00 10.70 -1.93
CA LEU A 64 4.15 11.11 -1.14
C LEU A 64 3.85 12.46 -0.48
N GLU A 65 4.51 12.71 0.64
CA GLU A 65 4.42 13.97 1.34
C GLU A 65 5.82 14.41 1.71
N TRP A 66 6.12 15.66 1.42
CA TRP A 66 7.39 16.26 1.80
C TRP A 66 7.33 16.69 3.25
N ILE A 67 8.30 16.24 4.05
CA ILE A 67 8.33 16.53 5.48
C ILE A 67 9.13 17.81 5.71
N GLY A 68 10.36 17.83 5.21
CA GLY A 68 11.22 18.97 5.45
C GLY A 68 12.60 18.72 4.90
N GLU A 69 13.54 19.57 5.32
CA GLU A 69 14.86 19.60 4.72
C GLU A 69 15.89 20.08 5.74
N ILE A 70 17.12 19.63 5.58
CA ILE A 70 18.23 20.11 6.39
C ILE A 70 19.42 20.40 5.48
N ASP A 71 20.09 21.51 5.75
CA ASP A 71 21.37 21.82 5.11
C ASP A 71 22.47 21.30 6.01
N PRO A 72 23.13 20.19 5.66
CA PRO A 72 24.16 19.64 6.55
C PRO A 72 25.30 20.59 6.87
N SER A 73 25.61 21.54 5.98
CA SER A 73 26.77 22.40 6.19
C SER A 73 26.60 23.33 7.40
N ASP A 74 25.37 23.75 7.71
CA ASP A 74 25.17 24.64 8.85
C ASP A 74 24.06 24.19 9.80
N SER A 75 23.37 23.10 9.51
CA SER A 75 22.27 22.53 10.30
C SER A 75 20.99 23.36 10.25
N TYR A 76 20.90 24.33 9.33
CA TYR A 76 19.61 24.99 9.10
C TYR A 76 18.59 23.93 8.67
N THR A 77 17.38 24.03 9.24
CA THR A 77 16.30 23.13 8.90
C THR A 77 15.07 23.93 8.53
N ASN A 78 14.23 23.35 7.68
CA ASN A 78 12.96 23.94 7.30
C ASN A 78 11.96 22.81 7.15
N HIS A 79 10.70 23.13 7.43
CA HIS A 79 9.68 22.09 7.53
C HIS A 79 8.41 22.47 6.78
N ASN A 80 7.77 21.46 6.19
CA ASN A 80 6.35 21.53 5.92
C ASN A 80 5.63 21.69 7.25
N GLN A 81 4.76 22.69 7.35
CA GLN A 81 4.14 22.98 8.65
C GLN A 81 3.38 21.77 9.18
N LYS A 82 2.83 20.95 8.29
CA LYS A 82 2.10 19.77 8.76
C LYS A 82 2.98 18.87 9.62
N PHE A 83 4.28 18.86 9.38
CA PHE A 83 5.19 17.95 10.05
C PHE A 83 6.12 18.65 11.03
N ARG A 84 6.01 19.98 11.17
CA ARG A 84 6.97 20.73 11.97
C ARG A 84 6.86 20.42 13.45
N GLY A 85 5.63 20.20 13.94
CA GLY A 85 5.46 19.86 15.34
C GLY A 85 5.88 18.45 15.73
N LYS A 86 6.12 17.58 14.76
CA LYS A 86 6.39 16.17 15.05
C LYS A 86 7.80 15.73 14.65
N SER A 87 8.44 16.43 13.73
CA SER A 87 9.71 16.03 13.15
C SER A 87 10.82 16.96 13.63
N THR A 88 11.90 16.38 14.15
CA THR A 88 13.14 17.09 14.45
C THR A 88 14.23 16.54 13.53
N LEU A 89 14.87 17.45 12.78
CA LEU A 89 15.92 17.09 11.84
C LEU A 89 17.27 17.52 12.39
N THR A 90 18.25 16.63 12.31
CA THR A 90 19.63 16.93 12.70
C THR A 90 20.57 16.36 11.66
N ALA A 91 21.81 16.83 11.71
CA ALA A 91 22.85 16.28 10.84
C ALA A 91 24.17 16.29 11.60
N ASP A 92 24.98 15.26 11.36
CA ASP A 92 26.27 15.08 12.02
C ASP A 92 27.36 15.11 10.96
N ILE A 93 28.11 16.22 10.91
CA ILE A 93 29.25 16.30 10.00
C ILE A 93 30.26 15.18 10.29
N SER A 94 30.56 14.96 11.57
CA SER A 94 31.63 14.02 11.93
C SER A 94 31.38 12.63 11.36
N SER A 95 30.11 12.22 11.25
CA SER A 95 29.76 10.89 10.76
C SER A 95 28.98 10.90 9.45
N SER A 96 28.73 12.05 8.85
CA SER A 96 28.06 12.15 7.55
C SER A 96 26.69 11.50 7.56
N THR A 97 25.99 11.53 8.69
CA THR A 97 24.63 11.00 8.77
C THR A 97 23.64 12.10 9.12
N ALA A 98 22.42 11.94 8.64
CA ALA A 98 21.29 12.80 8.96
C ALA A 98 20.28 11.99 9.76
N TYR A 99 19.46 12.70 10.52
CA TYR A 99 18.49 12.03 11.37
C TYR A 99 17.17 12.78 11.34
N MET A 100 16.09 12.02 11.35
CA MET A 100 14.76 12.58 11.56
C MET A 100 14.18 11.90 12.77
N GLN A 101 13.78 12.67 13.75
CA GLN A 101 13.11 12.16 14.93
C GLN A 101 11.63 12.49 14.86
N LEU A 102 10.79 11.49 15.05
CA LEU A 102 9.35 11.63 15.00
C LEU A 102 8.81 11.41 16.40
N SER A 103 8.04 12.37 16.89
CA SER A 103 7.55 12.35 18.27
C SER A 103 6.04 12.14 18.30
N SER A 104 5.54 11.85 19.50
CA SER A 104 4.11 11.61 19.77
C SER A 104 3.49 10.72 18.71
N LEU A 105 4.11 9.56 18.49
CA LEU A 105 3.76 8.72 17.36
C LEU A 105 2.35 8.17 17.47
N THR A 106 1.68 8.12 16.33
CA THR A 106 0.29 7.70 16.18
C THR A 106 0.24 6.63 15.10
N SER A 107 -0.81 5.81 15.10
CA SER A 107 -0.98 4.83 14.02
C SER A 107 -0.94 5.48 12.63
N GLU A 108 -1.14 6.78 12.53
CA GLU A 108 -1.06 7.47 11.24
C GLU A 108 0.37 7.77 10.82
N ASP A 109 1.35 7.45 11.66
CA ASP A 109 2.75 7.63 11.29
C ASP A 109 3.39 6.34 10.79
N SER A 110 2.69 5.21 10.86
CA SER A 110 3.12 4.00 10.16
C SER A 110 3.23 4.30 8.67
N ALA A 111 4.45 4.32 8.15
CA ALA A 111 4.67 4.72 6.76
C ALA A 111 6.11 4.38 6.38
N VAL A 112 6.41 4.57 5.10
CA VAL A 112 7.77 4.51 4.58
C VAL A 112 8.32 5.93 4.54
N TYR A 113 9.50 6.12 5.10
CA TYR A 113 10.14 7.43 5.12
C TYR A 113 11.43 7.36 4.32
N TYR A 114 11.55 8.23 3.31
CA TYR A 114 12.76 8.31 2.49
C TYR A 114 13.56 9.55 2.89
N CYS A 115 14.89 9.43 2.84
CA CYS A 115 15.75 10.59 2.76
C CYS A 115 16.27 10.71 1.34
N ALA A 116 16.50 11.93 0.90
CA ALA A 116 16.91 12.21 -0.46
C ALA A 116 17.79 13.44 -0.46
N ALA A 117 18.74 13.49 -1.39
CA ALA A 117 19.70 14.59 -1.40
C ALA A 117 19.55 15.47 -2.64
N PHE A 127 19.24 11.53 -5.63
CA PHE A 127 19.41 10.14 -5.21
C PHE A 127 18.70 9.93 -3.89
N TRP A 128 18.20 8.72 -3.67
CA TRP A 128 17.32 8.42 -2.55
C TRP A 128 17.89 7.28 -1.72
N GLY A 129 17.45 7.22 -0.46
CA GLY A 129 17.55 5.98 0.28
C GLY A 129 16.46 5.01 -0.11
N GLN A 130 16.65 3.74 0.26
CA GLN A 130 15.64 2.73 0.02
C GLN A 130 14.41 2.90 0.90
N GLY A 131 14.41 3.87 1.80
CA GLY A 131 13.25 4.08 2.63
C GLY A 131 13.25 3.18 3.84
N THR A 132 12.77 3.71 4.96
CA THR A 132 12.58 2.96 6.19
C THR A 132 11.09 2.77 6.40
N THR A 133 10.67 1.53 6.62
CA THR A 133 9.27 1.24 6.91
C THR A 133 9.06 1.30 8.43
N LEU A 134 8.38 2.35 8.88
CA LEU A 134 8.04 2.49 10.28
C LEU A 134 6.68 1.87 10.55
N THR A 135 6.61 1.04 11.61
CA THR A 135 5.37 0.44 12.07
C THR A 135 5.16 0.85 13.52
N VAL A 136 4.06 1.55 13.79
CA VAL A 136 3.71 1.96 15.14
C VAL A 136 2.80 0.89 15.74
N SER A 137 3.22 0.32 16.87
CA SER A 137 2.45 -0.75 17.51
C SER A 137 2.97 -0.96 18.94
N SER A 138 2.04 -1.23 19.85
CA SER A 138 2.39 -1.56 21.22
C SER A 138 2.53 -3.07 21.44
N ALA A 139 2.35 -3.86 20.38
CA ALA A 139 2.31 -5.30 20.51
C ALA A 139 3.69 -5.88 20.80
N LYS A 140 3.69 -6.98 21.53
CA LYS A 140 4.85 -7.84 21.64
C LYS A 140 4.81 -8.90 20.54
N THR A 141 5.93 -9.60 20.36
CA THR A 141 5.95 -10.69 19.40
C THR A 141 4.82 -11.66 19.73
N THR A 142 3.95 -11.89 18.76
CA THR A 142 2.72 -12.64 18.98
C THR A 142 2.57 -13.66 17.87
N PRO A 143 2.54 -14.97 18.18
CA PRO A 143 2.37 -15.96 17.12
C PRO A 143 0.98 -15.87 16.56
N PRO A 144 0.78 -16.22 15.29
CA PRO A 144 -0.54 -16.09 14.68
C PRO A 144 -1.49 -17.19 15.13
N SER A 145 -2.77 -16.88 15.10
CA SER A 145 -3.81 -17.90 15.15
C SER A 145 -4.12 -18.32 13.73
N VAL A 146 -4.19 -19.64 13.49
CA VAL A 146 -4.45 -20.18 12.16
C VAL A 146 -5.83 -20.83 12.17
N TYR A 147 -6.73 -20.31 11.35
CA TYR A 147 -8.11 -20.76 11.31
C TYR A 147 -8.40 -21.34 9.93
N PRO A 148 -8.96 -22.55 9.85
CA PRO A 148 -9.23 -23.15 8.54
C PRO A 148 -10.55 -22.63 7.97
N LEU A 149 -10.52 -22.20 6.71
CA LEU A 149 -11.71 -21.71 6.01
C LEU A 149 -12.13 -22.80 5.03
N ALA A 150 -13.15 -23.56 5.40
CA ALA A 150 -13.62 -24.68 4.61
C ALA A 150 -15.12 -24.58 4.41
N PRO A 151 -15.64 -25.08 3.28
CA PRO A 151 -17.09 -25.11 3.03
C PRO A 151 -17.80 -26.06 3.98
N SER A 160 -14.86 -27.10 -8.99
CA SER A 160 -13.73 -26.49 -8.30
C SER A 160 -14.09 -26.14 -6.87
N VAL A 161 -13.28 -26.55 -5.89
CA VAL A 161 -13.49 -26.18 -4.51
C VAL A 161 -12.34 -25.27 -4.05
N THR A 162 -12.71 -24.17 -3.41
CA THR A 162 -11.76 -23.18 -2.93
C THR A 162 -11.65 -23.33 -1.43
N LEU A 163 -10.41 -23.45 -0.95
CA LEU A 163 -10.11 -23.55 0.47
C LEU A 163 -9.21 -22.39 0.86
N GLY A 164 -9.21 -22.07 2.14
CA GLY A 164 -8.28 -21.07 2.61
C GLY A 164 -8.04 -21.23 4.08
N CYS A 165 -7.14 -20.42 4.60
CA CYS A 165 -7.02 -20.34 6.04
C CYS A 165 -6.66 -18.92 6.44
N LEU A 166 -7.21 -18.51 7.57
CA LEU A 166 -7.11 -17.15 8.08
C LEU A 166 -6.03 -17.13 9.14
N VAL A 167 -5.06 -16.23 8.98
CA VAL A 167 -3.90 -16.13 9.86
C VAL A 167 -4.01 -14.79 10.56
N LYS A 168 -4.43 -14.81 11.83
CA LYS A 168 -4.97 -13.62 12.48
C LYS A 168 -4.20 -13.27 13.75
N GLY A 169 -3.95 -11.98 13.94
CA GLY A 169 -3.50 -11.45 15.23
C GLY A 169 -2.06 -11.70 15.59
N TYR A 170 -1.16 -11.67 14.62
CA TYR A 170 0.25 -11.89 14.89
C TYR A 170 1.02 -10.59 14.79
N PHE A 171 2.24 -10.62 15.33
CA PHE A 171 3.17 -9.50 15.27
C PHE A 171 4.56 -10.07 15.51
N PRO A 172 5.56 -9.69 14.70
CA PRO A 172 5.40 -8.76 13.59
C PRO A 172 5.26 -9.48 12.27
N GLU A 173 5.38 -8.73 11.17
CA GLU A 173 5.61 -9.36 9.87
C GLU A 173 7.05 -9.88 9.80
N SER A 174 7.26 -10.93 9.02
CA SER A 174 6.22 -11.51 8.20
C SER A 174 6.03 -12.98 8.46
N VAL A 175 5.28 -13.60 7.56
CA VAL A 175 4.74 -14.93 7.78
C VAL A 175 4.77 -15.66 6.44
N THR A 176 4.87 -16.98 6.51
CA THR A 176 5.02 -17.83 5.33
C THR A 176 3.93 -18.89 5.35
N VAL A 177 2.99 -18.79 4.43
CA VAL A 177 1.90 -19.75 4.32
C VAL A 177 2.13 -20.60 3.09
N THR A 178 2.29 -21.90 3.31
CA THR A 178 2.44 -22.86 2.22
C THR A 178 1.27 -23.84 2.27
N TRP A 179 0.96 -24.43 1.12
CA TRP A 179 -0.12 -25.38 0.99
C TRP A 179 0.42 -26.75 0.59
N ASN A 180 -0.37 -27.78 0.87
CA ASN A 180 0.00 -29.15 0.50
C ASN A 180 -1.24 -30.02 0.23
N SER A 187 -3.79 -23.37 -7.64
CA SER A 187 -4.01 -21.93 -7.62
C SER A 187 -3.95 -21.39 -6.20
N VAL A 188 -2.84 -20.74 -5.86
CA VAL A 188 -2.62 -20.16 -4.54
C VAL A 188 -2.72 -18.64 -4.67
N HIS A 189 -3.47 -18.03 -3.75
CA HIS A 189 -3.53 -16.58 -3.61
C HIS A 189 -3.21 -16.23 -2.17
N THR A 190 -2.15 -15.48 -1.96
CA THR A 190 -1.74 -15.05 -0.63
C THR A 190 -1.96 -13.54 -0.54
N PHE A 191 -2.74 -13.10 0.44
CA PHE A 191 -3.20 -11.70 0.45
C PHE A 191 -2.39 -10.86 1.43
N PRO A 192 -1.98 -9.67 1.01
CA PRO A 192 -1.16 -8.83 1.89
C PRO A 192 -1.81 -8.62 3.25
N ALA A 193 -1.00 -8.74 4.29
CA ALA A 193 -1.47 -8.54 5.64
C ALA A 193 -1.90 -7.09 5.85
N LEU A 194 -2.86 -6.90 6.75
CA LEU A 194 -3.28 -5.57 7.18
C LEU A 194 -3.03 -5.40 8.67
N LEU A 195 -2.44 -4.26 9.02
CA LEU A 195 -2.21 -3.95 10.43
C LEU A 195 -3.49 -3.39 11.03
N GLN A 196 -3.95 -4.02 12.11
CA GLN A 196 -5.20 -3.67 12.75
C GLN A 196 -5.00 -3.77 14.25
N SER A 197 -5.10 -2.64 14.95
CA SER A 197 -4.94 -2.58 16.40
C SER A 197 -3.59 -3.16 16.83
N GLY A 198 -2.53 -2.79 16.11
CA GLY A 198 -1.20 -3.24 16.43
C GLY A 198 -0.83 -4.63 15.94
N LEU A 199 -1.82 -5.44 15.54
CA LEU A 199 -1.60 -6.82 15.13
C LEU A 199 -1.86 -6.98 13.64
N TYR A 200 -1.26 -8.02 13.06
CA TYR A 200 -1.45 -8.32 11.65
C TYR A 200 -2.46 -9.45 11.48
N THR A 201 -3.20 -9.38 10.38
CA THR A 201 -4.07 -10.45 9.92
C THR A 201 -3.83 -10.61 8.43
N MET A 202 -3.72 -11.86 7.97
CA MET A 202 -3.67 -12.11 6.54
C MET A 202 -4.45 -13.38 6.23
N SER A 203 -4.68 -13.61 4.94
CA SER A 203 -5.41 -14.80 4.50
C SER A 203 -4.76 -15.35 3.25
N SER A 204 -4.95 -16.64 3.03
CA SER A 204 -4.44 -17.32 1.85
C SER A 204 -5.49 -18.30 1.36
N SER A 205 -5.62 -18.43 0.04
CA SER A 205 -6.61 -19.30 -0.56
C SER A 205 -5.94 -20.27 -1.53
N VAL A 206 -6.56 -21.45 -1.67
CA VAL A 206 -6.12 -22.49 -2.58
C VAL A 206 -7.35 -23.04 -3.28
N THR A 207 -7.19 -23.36 -4.57
CA THR A 207 -8.25 -23.94 -5.39
C THR A 207 -7.75 -25.27 -5.92
N VAL A 208 -8.49 -26.34 -5.65
CA VAL A 208 -8.10 -27.67 -6.09
C VAL A 208 -9.23 -28.23 -6.97
N PRO A 209 -8.92 -29.20 -7.82
CA PRO A 209 -9.96 -29.76 -8.70
C PRO A 209 -10.97 -30.66 -8.00
N SER A 210 -10.66 -31.14 -6.79
CA SER A 210 -11.39 -32.23 -6.11
C SER A 210 -11.17 -33.58 -6.81
N THR A 217 -6.68 -34.97 1.33
CA THR A 217 -6.03 -34.23 2.41
C THR A 217 -5.38 -32.93 1.96
N VAL A 218 -5.84 -31.80 2.50
CA VAL A 218 -5.27 -30.49 2.24
C VAL A 218 -4.92 -29.87 3.59
N THR A 219 -3.71 -29.33 3.70
CA THR A 219 -3.28 -28.64 4.91
C THR A 219 -2.54 -27.37 4.52
N CYS A 220 -2.70 -26.33 5.33
CA CYS A 220 -1.94 -25.11 5.16
C CYS A 220 -0.93 -24.98 6.29
N SER A 221 0.28 -24.53 5.93
CA SER A 221 1.41 -24.46 6.86
C SER A 221 1.86 -23.01 7.00
N VAL A 222 1.90 -22.52 8.24
CA VAL A 222 2.18 -21.12 8.52
C VAL A 222 3.38 -21.05 9.45
N ALA A 223 4.44 -20.40 8.99
CA ALA A 223 5.68 -20.27 9.74
C ALA A 223 5.89 -18.80 10.10
N HIS A 224 6.10 -18.54 11.39
CA HIS A 224 6.24 -17.18 11.91
C HIS A 224 7.60 -17.13 12.61
N PRO A 225 8.65 -16.70 11.89
CA PRO A 225 10.01 -16.88 12.43
C PRO A 225 10.32 -15.99 13.63
N ALA A 226 9.65 -14.84 13.78
CA ALA A 226 9.92 -14.01 14.94
C ALA A 226 9.54 -14.72 16.24
N SER A 227 8.52 -15.56 16.19
CA SER A 227 8.17 -16.40 17.34
C SER A 227 8.59 -17.84 17.15
N SER A 228 9.25 -18.16 16.03
CA SER A 228 9.70 -19.51 15.69
C SER A 228 8.58 -20.54 15.91
N THR A 229 7.43 -20.28 15.31
CA THR A 229 6.29 -21.18 15.39
C THR A 229 5.87 -21.63 13.99
N THR A 230 5.45 -22.88 13.89
CA THR A 230 4.87 -23.42 12.65
C THR A 230 3.58 -24.15 13.01
N VAL A 231 2.48 -23.73 12.38
CA VAL A 231 1.17 -24.32 12.61
C VAL A 231 0.68 -24.96 11.32
N ASP A 232 0.09 -26.14 11.45
CA ASP A 232 -0.53 -26.87 10.34
C ASP A 232 -1.96 -27.16 10.71
N LYS A 233 -2.89 -26.72 9.87
CA LYS A 233 -4.32 -26.94 10.08
C LYS A 233 -4.85 -27.81 8.95
N LYS A 234 -5.42 -28.96 9.30
CA LYS A 234 -6.15 -29.74 8.31
C LYS A 234 -7.53 -29.13 8.12
N LEU A 235 -8.06 -29.31 6.91
CA LEU A 235 -9.34 -28.73 6.52
C LEU A 235 -10.40 -29.82 6.44
N GLU A 236 -11.64 -29.45 6.80
CA GLU A 236 -12.81 -30.33 6.72
C GLU A 236 -13.07 -30.79 5.29
N GLY B 20 0.63 19.42 2.12
CA GLY B 20 1.10 20.80 2.02
C GLY B 20 -0.01 21.83 1.88
N ASP B 21 -0.28 22.26 0.65
CA ASP B 21 -1.40 23.15 0.37
C ASP B 21 -1.99 22.87 -1.01
N VAL B 22 -1.18 22.96 -2.06
CA VAL B 22 -1.65 22.66 -3.41
C VAL B 22 -1.96 21.18 -3.50
N VAL B 23 -3.13 20.84 -4.05
CA VAL B 23 -3.55 19.46 -4.20
C VAL B 23 -3.29 19.01 -5.63
N MET B 24 -2.73 17.81 -5.77
CA MET B 24 -2.34 17.23 -7.05
C MET B 24 -3.25 16.02 -7.30
N THR B 25 -4.28 16.18 -8.14
CA THR B 25 -5.20 15.07 -8.42
C THR B 25 -4.80 14.37 -9.72
N GLN B 26 -4.45 13.09 -9.61
CA GLN B 26 -4.04 12.29 -10.75
C GLN B 26 -5.17 11.36 -11.17
N THR B 27 -5.30 11.14 -12.47
CA THR B 27 -6.25 10.19 -13.04
C THR B 27 -5.60 9.52 -14.24
N PRO B 28 -5.90 8.23 -14.48
CA PRO B 28 -6.70 7.38 -13.59
C PRO B 28 -5.89 6.84 -12.43
N LEU B 29 -6.55 6.24 -11.45
CA LEU B 29 -5.82 5.59 -10.37
C LEU B 29 -5.00 4.43 -10.92
N THR B 30 -5.61 3.59 -11.74
CA THR B 30 -4.91 2.49 -12.42
C THR B 30 -5.18 2.61 -13.91
N LEU B 31 -4.12 2.74 -14.70
CA LEU B 31 -4.22 2.89 -16.15
C LEU B 31 -3.87 1.56 -16.81
N SER B 32 -4.84 0.96 -17.50
CA SER B 32 -4.59 -0.29 -18.19
C SER B 32 -3.79 -0.03 -19.46
N VAL B 33 -2.73 -0.83 -19.64
CA VAL B 33 -1.72 -0.63 -20.65
C VAL B 33 -1.65 -1.86 -21.56
N THR B 34 -1.24 -1.64 -22.81
CA THR B 34 -0.86 -2.72 -23.71
C THR B 34 0.55 -2.49 -24.23
N ILE B 35 1.41 -3.50 -24.09
CA ILE B 35 2.87 -3.38 -24.22
C ILE B 35 3.33 -2.89 -25.60
N GLY B 36 2.42 -2.74 -26.56
CA GLY B 36 2.84 -2.14 -27.81
C GLY B 36 2.33 -0.73 -28.07
N GLN B 37 1.33 -0.30 -27.32
CA GLN B 37 0.47 0.83 -27.64
C GLN B 37 0.79 2.06 -26.79
N PRO B 38 0.30 3.24 -27.18
CA PRO B 38 0.55 4.45 -26.38
C PRO B 38 -0.25 4.43 -25.08
N ALA B 39 0.04 5.42 -24.24
CA ALA B 39 -0.63 5.55 -22.95
C ALA B 39 -0.50 6.99 -22.48
N SER B 40 -1.55 7.50 -21.85
CA SER B 40 -1.62 8.88 -21.41
C SER B 40 -2.24 8.96 -20.02
N MET B 41 -1.65 9.79 -19.16
CA MET B 41 -2.20 10.06 -17.83
C MET B 41 -2.24 11.56 -17.60
N SER B 42 -3.04 11.98 -16.62
CA SER B 42 -3.30 13.40 -16.36
C SER B 42 -3.03 13.76 -14.90
N CYS B 43 -2.69 15.03 -14.67
CA CYS B 43 -2.41 15.55 -13.33
C CYS B 43 -2.97 16.96 -13.28
N LYS B 44 -3.96 17.17 -12.43
CA LYS B 44 -4.67 18.44 -12.30
C LYS B 44 -4.35 19.06 -10.95
N SER B 45 -3.99 20.33 -10.95
CA SER B 45 -3.57 20.97 -9.71
C SER B 45 -4.68 21.86 -9.17
N SER B 46 -4.70 22.00 -7.84
CA SER B 46 -5.67 22.86 -7.18
C SER B 46 -5.46 24.32 -7.54
N GLN B 47 -4.23 24.69 -7.89
CA GLN B 47 -3.82 26.06 -8.09
C GLN B 47 -2.85 26.09 -9.26
N SER B 48 -2.79 27.23 -9.93
CA SER B 48 -1.89 27.33 -11.08
C SER B 48 -0.44 27.14 -10.65
N LEU B 49 0.29 26.34 -11.42
CA LEU B 49 1.71 26.09 -11.19
C LEU B 49 2.60 27.06 -11.95
N LEU B 50 2.00 27.88 -12.81
CA LEU B 50 2.72 28.92 -13.53
C LEU B 50 3.30 29.91 -12.52
N ASP B 51 4.62 29.90 -12.34
CA ASP B 51 5.29 30.77 -11.39
C ASP B 51 5.58 32.13 -12.03
N ARG B 52 5.75 33.13 -11.16
CA ARG B 52 6.00 34.50 -11.59
C ARG B 52 7.42 34.73 -12.11
N ASP B 53 8.34 33.79 -11.90
CA ASP B 53 9.63 33.89 -12.56
C ASP B 53 9.55 33.44 -14.02
N GLY B 54 8.34 33.11 -14.50
CA GLY B 54 8.08 32.66 -15.84
C GLY B 54 8.01 31.14 -15.97
N LYS B 55 8.68 30.43 -15.07
CA LYS B 55 8.84 28.99 -15.15
C LYS B 55 7.68 28.27 -14.46
N THR B 56 7.50 26.99 -14.81
CA THR B 56 6.46 26.15 -14.21
C THR B 56 7.12 24.88 -13.70
N TYR B 57 7.02 24.63 -12.40
CA TYR B 57 7.82 23.59 -11.73
C TYR B 57 6.97 22.33 -11.50
N LEU B 58 6.73 21.61 -12.59
CA LEU B 58 6.02 20.34 -12.56
C LEU B 58 6.95 19.20 -12.96
N ASN B 59 7.07 18.20 -12.11
CA ASN B 59 7.90 17.03 -12.35
C ASN B 59 7.05 15.77 -12.35
N TRP B 60 7.61 14.69 -12.90
CA TRP B 60 7.01 13.36 -12.87
C TRP B 60 8.01 12.38 -12.28
N PHE B 61 7.59 11.60 -11.28
CA PHE B 61 8.40 10.55 -10.68
C PHE B 61 7.84 9.18 -11.06
N PHE B 62 8.71 8.18 -10.99
CA PHE B 62 8.33 6.79 -11.23
C PHE B 62 8.78 5.92 -10.06
N TRP B 63 7.88 5.08 -9.56
CA TRP B 63 8.17 4.25 -8.41
C TRP B 63 7.99 2.77 -8.72
N ARG B 71 13.69 2.58 -4.78
CA ARG B 71 13.44 3.99 -4.40
C ARG B 71 12.90 4.77 -5.58
N LEU B 72 12.16 5.83 -5.27
CA LEU B 72 11.54 6.65 -6.29
C LEU B 72 12.61 7.40 -7.08
N ILE B 73 12.44 7.51 -8.40
CA ILE B 73 13.34 8.33 -9.20
C ILE B 73 12.51 9.10 -10.21
N TYR B 74 12.87 10.38 -10.41
CA TYR B 74 12.08 11.23 -11.27
C TYR B 74 12.42 11.02 -12.73
N LEU B 75 11.41 11.19 -13.59
CA LEU B 75 11.56 11.12 -15.03
C LEU B 75 11.78 12.51 -15.64
N VAL B 76 10.92 13.47 -15.31
CA VAL B 76 10.83 14.71 -16.07
C VAL B 76 10.91 15.90 -15.12
N SER B 77 11.56 16.98 -15.57
CA SER B 77 11.46 18.27 -14.91
C SER B 77 10.83 19.27 -15.86
N LYS B 78 9.86 20.03 -15.36
CA LYS B 78 9.29 21.17 -16.08
C LYS B 78 8.64 20.80 -17.40
N LEU B 79 8.72 19.52 -17.78
CA LEU B 79 8.20 19.02 -19.06
C LEU B 79 9.27 18.53 -20.05
N ASP B 80 10.55 18.57 -19.66
CA ASP B 80 11.66 18.08 -20.49
C ASP B 80 12.08 16.74 -19.89
N SER B 81 12.72 15.82 -20.62
CA SER B 81 12.99 14.56 -19.91
C SER B 81 14.22 14.62 -19.00
N GLY B 82 15.41 14.64 -19.58
CA GLY B 82 16.60 14.50 -18.74
C GLY B 82 16.82 13.08 -18.24
N VAL B 83 17.29 12.21 -19.14
CA VAL B 83 17.91 10.88 -18.90
C VAL B 83 16.98 9.66 -19.00
N PRO B 84 15.60 9.76 -19.09
CA PRO B 84 14.80 8.50 -19.01
C PRO B 84 15.04 7.50 -20.17
N ASP B 85 14.67 7.68 -21.45
CA ASP B 85 13.81 8.68 -22.09
C ASP B 85 12.90 7.94 -23.09
N ARG B 86 11.85 8.62 -23.60
CA ARG B 86 10.78 8.10 -24.47
C ARG B 86 9.44 8.67 -23.99
N PHE B 87 9.48 9.54 -23.00
CA PHE B 87 8.28 10.04 -22.35
C PHE B 87 7.98 11.48 -22.78
N THR B 88 6.74 11.90 -22.54
CA THR B 88 6.24 13.25 -22.81
C THR B 88 5.14 13.52 -21.80
N GLY B 89 5.16 14.67 -21.13
CA GLY B 89 6.08 15.77 -21.34
C GLY B 89 5.32 17.07 -21.59
N GLY B 90 4.02 17.09 -21.27
CA GLY B 90 3.17 18.19 -21.68
C GLY B 90 2.44 18.96 -20.60
N GLY B 91 2.56 20.30 -20.65
CA GLY B 91 1.93 21.19 -19.68
C GLY B 91 0.46 21.38 -19.94
N SER B 92 -0.08 22.55 -19.58
CA SER B 92 0.58 23.58 -18.78
C SER B 92 -0.46 24.24 -17.84
N GLY B 93 -0.07 25.29 -17.11
CA GLY B 93 -1.00 25.97 -16.23
C GLY B 93 -1.45 25.16 -15.02
N THR B 94 -2.67 24.61 -15.08
CA THR B 94 -3.17 23.71 -14.05
C THR B 94 -3.46 22.30 -14.54
N ASP B 95 -3.30 22.05 -15.85
CA ASP B 95 -3.57 20.75 -16.46
C ASP B 95 -2.29 20.22 -17.09
N PHE B 96 -1.92 18.98 -16.76
CA PHE B 96 -0.69 18.39 -17.26
C PHE B 96 -0.92 16.94 -17.63
N THR B 97 -0.12 16.44 -18.57
CA THR B 97 -0.24 15.05 -18.99
C THR B 97 1.14 14.42 -19.13
N LEU B 98 1.16 13.10 -18.99
CA LEU B 98 2.35 12.29 -19.24
C LEU B 98 1.96 11.22 -20.24
N LYS B 99 2.61 11.24 -21.41
CA LYS B 99 2.31 10.32 -22.51
C LYS B 99 3.52 9.46 -22.80
N ILE B 100 3.27 8.17 -23.01
CA ILE B 100 4.27 7.22 -23.45
C ILE B 100 3.89 6.85 -24.87
N ASN B 101 4.74 7.22 -25.83
CA ASN B 101 4.41 6.94 -27.23
C ASN B 101 4.15 5.45 -27.44
N ARG B 102 4.93 4.61 -26.77
CA ARG B 102 4.75 3.16 -26.85
C ARG B 102 5.21 2.57 -25.53
N VAL B 103 4.28 2.01 -24.76
CA VAL B 103 4.62 1.44 -23.47
C VAL B 103 5.58 0.26 -23.66
N GLU B 104 6.46 0.07 -22.68
CA GLU B 104 7.20 -1.18 -22.50
C GLU B 104 7.02 -1.63 -21.06
N ALA B 105 7.56 -2.80 -20.74
CA ALA B 105 7.48 -3.35 -19.38
C ALA B 105 8.68 -2.85 -18.61
N GLU B 106 8.71 -1.56 -18.33
CA GLU B 106 9.85 -0.96 -17.62
C GLU B 106 9.67 -0.28 -16.24
N ASP B 107 8.79 0.69 -16.04
CA ASP B 107 7.74 1.28 -16.90
C ASP B 107 6.38 0.77 -16.46
N LEU B 108 6.38 -0.25 -15.62
CA LEU B 108 5.15 -0.77 -15.05
C LEU B 108 5.33 -0.30 -13.62
N GLY B 109 4.40 0.52 -13.12
CA GLY B 109 4.61 1.01 -11.77
C GLY B 109 3.66 2.16 -11.49
N ILE B 110 4.02 2.96 -10.49
CA ILE B 110 3.25 4.13 -10.13
C ILE B 110 3.98 5.37 -10.62
N TYR B 111 3.25 6.31 -11.19
CA TYR B 111 3.79 7.59 -11.61
C TYR B 111 3.18 8.68 -10.74
N TYR B 112 4.02 9.51 -10.14
CA TYR B 112 3.59 10.63 -9.32
C TYR B 112 3.96 11.93 -10.03
N CYS B 113 3.03 12.89 -10.08
CA CYS B 113 3.45 14.22 -10.50
C CYS B 113 3.81 15.03 -9.26
N TRP B 114 4.43 16.17 -9.48
CA TRP B 114 5.05 16.95 -8.41
C TRP B 114 5.03 18.43 -8.76
N GLN B 115 4.98 19.28 -7.72
CA GLN B 115 5.00 20.76 -7.87
C GLN B 115 5.87 21.55 -6.88
N GLY B 116 6.26 22.75 -7.30
CA GLY B 116 7.01 23.68 -6.46
C GLY B 116 6.68 25.11 -6.84
N THR B 117 5.42 25.54 -6.75
CA THR B 117 5.10 26.92 -7.16
C THR B 117 5.75 28.03 -6.33
N HIS B 118 5.62 27.98 -5.00
CA HIS B 118 4.74 27.01 -4.30
C HIS B 118 5.39 26.18 -3.18
N PHE B 119 5.06 26.59 -1.97
CA PHE B 119 5.51 25.96 -0.71
C PHE B 119 4.31 25.53 0.12
N PRO B 120 4.28 24.27 0.59
CA PRO B 120 5.36 23.34 0.30
C PRO B 120 5.12 22.49 -0.93
N GLN B 121 6.17 21.84 -1.41
CA GLN B 121 6.04 20.95 -2.54
C GLN B 121 5.05 19.85 -2.21
N THR B 122 4.19 19.51 -3.16
CA THR B 122 3.23 18.45 -2.96
C THR B 122 3.33 17.46 -4.11
N PHE B 123 2.94 16.23 -3.83
CA PHE B 123 2.89 15.15 -4.81
C PHE B 123 1.43 14.79 -5.10
N GLY B 124 1.22 14.06 -6.19
CA GLY B 124 -0.07 13.49 -6.49
C GLY B 124 -0.22 12.11 -5.90
N GLY B 125 -1.45 11.58 -6.00
CA GLY B 125 -1.71 10.24 -5.50
C GLY B 125 -1.13 9.12 -6.33
N GLY B 126 -0.73 9.41 -7.55
CA GLY B 126 -0.05 8.39 -8.33
C GLY B 126 -0.99 7.66 -9.28
N THR B 127 -0.47 7.32 -10.46
CA THR B 127 -1.16 6.48 -11.42
C THR B 127 -0.37 5.18 -11.55
N LYS B 128 -1.02 4.06 -11.24
CA LYS B 128 -0.40 2.75 -11.35
C LYS B 128 -0.72 2.15 -12.71
N LEU B 129 0.31 1.71 -13.42
CA LEU B 129 0.14 1.08 -14.74
C LEU B 129 0.08 -0.44 -14.57
N ASP B 130 -0.93 -1.05 -15.17
CA ASP B 130 -1.05 -2.51 -15.17
C ASP B 130 -1.37 -2.99 -16.58
N ILE B 131 -1.24 -4.30 -16.79
CA ILE B 131 -1.38 -4.89 -18.12
C ILE B 131 -2.86 -5.08 -18.43
N LYS B 132 -3.29 -4.58 -19.60
CA LYS B 132 -4.67 -4.73 -20.06
C LYS B 132 -4.93 -6.17 -20.50
N ARG B 133 -5.91 -6.81 -19.88
CA ARG B 133 -6.36 -8.13 -20.26
C ARG B 133 -7.88 -8.08 -20.43
N ALA B 134 -8.43 -9.14 -21.01
CA ALA B 134 -9.88 -9.22 -21.15
C ALA B 134 -10.54 -9.17 -19.76
N ASP B 135 -11.70 -8.52 -19.70
CA ASP B 135 -12.44 -8.41 -18.43
C ASP B 135 -12.87 -9.79 -17.96
N ALA B 136 -12.79 -9.99 -16.65
CA ALA B 136 -13.11 -11.27 -16.05
C ALA B 136 -13.83 -11.04 -14.73
N ALA B 137 -14.91 -11.79 -14.51
CA ALA B 137 -15.63 -11.68 -13.25
C ALA B 137 -14.90 -12.48 -12.16
N PRO B 138 -15.03 -12.06 -10.90
CA PRO B 138 -14.36 -12.79 -9.82
C PRO B 138 -15.06 -14.10 -9.51
N THR B 139 -14.27 -15.05 -9.00
CA THR B 139 -14.81 -16.28 -8.44
C THR B 139 -15.01 -16.06 -6.94
N VAL B 140 -16.26 -15.94 -6.52
CA VAL B 140 -16.57 -15.55 -5.14
C VAL B 140 -16.83 -16.80 -4.30
N SER B 141 -16.13 -16.90 -3.17
CA SER B 141 -16.33 -17.96 -2.19
C SER B 141 -16.43 -17.32 -0.81
N ILE B 142 -17.44 -17.72 -0.03
CA ILE B 142 -17.69 -17.16 1.29
C ILE B 142 -17.47 -18.26 2.32
N PHE B 143 -16.84 -17.90 3.44
CA PHE B 143 -16.48 -18.85 4.49
C PHE B 143 -16.95 -18.35 5.86
N PRO B 144 -17.62 -19.18 6.63
CA PRO B 144 -18.04 -18.78 7.97
C PRO B 144 -16.90 -18.87 8.96
N PRO B 145 -17.04 -18.28 10.14
CA PRO B 145 -16.03 -18.48 11.19
C PRO B 145 -15.85 -19.96 11.50
N SER B 146 -14.59 -20.39 11.61
CA SER B 146 -14.32 -21.77 11.97
C SER B 146 -14.68 -22.01 13.44
N SER B 147 -14.87 -23.28 13.78
CA SER B 147 -15.19 -23.62 15.16
C SER B 147 -14.08 -23.22 16.12
N GLU B 148 -12.83 -23.20 15.65
CA GLU B 148 -11.72 -22.88 16.53
C GLU B 148 -11.74 -21.42 16.93
N GLN B 149 -12.09 -20.53 16.01
CA GLN B 149 -12.10 -19.10 16.35
C GLN B 149 -13.27 -18.74 17.25
N LEU B 150 -14.47 -19.29 16.96
CA LEU B 150 -15.60 -19.11 17.87
C LEU B 150 -15.27 -19.59 19.27
N THR B 151 -14.48 -20.66 19.37
CA THR B 151 -14.00 -21.17 20.64
C THR B 151 -13.19 -20.12 21.41
N SER B 152 -12.56 -19.18 20.71
CA SER B 152 -11.77 -18.13 21.33
C SER B 152 -12.54 -16.81 21.47
N GLY B 153 -13.85 -16.83 21.26
CA GLY B 153 -14.64 -15.63 21.45
C GLY B 153 -14.61 -14.64 20.31
N GLY B 154 -14.16 -15.07 19.12
CA GLY B 154 -14.17 -14.21 17.95
C GLY B 154 -14.84 -14.91 16.80
N ALA B 155 -15.27 -14.10 15.82
CA ALA B 155 -15.96 -14.63 14.64
C ALA B 155 -15.62 -13.77 13.43
N SER B 156 -14.90 -14.33 12.48
CA SER B 156 -14.53 -13.64 11.25
C SER B 156 -15.20 -14.33 10.06
N VAL B 157 -15.86 -13.56 9.21
CA VAL B 157 -16.47 -14.08 7.99
C VAL B 157 -15.59 -13.66 6.81
N VAL B 158 -15.18 -14.64 6.00
CA VAL B 158 -14.18 -14.43 4.95
C VAL B 158 -14.81 -14.67 3.58
N CYS B 159 -14.48 -13.80 2.63
CA CYS B 159 -15.06 -13.80 1.31
C CYS B 159 -13.91 -13.59 0.33
N PHE B 160 -13.70 -14.56 -0.57
CA PHE B 160 -12.61 -14.51 -1.54
C PHE B 160 -13.17 -14.11 -2.90
N LEU B 161 -12.54 -13.12 -3.53
CA LEU B 161 -12.92 -12.65 -4.86
C LEU B 161 -11.70 -12.87 -5.76
N ASN B 162 -11.71 -13.96 -6.54
CA ASN B 162 -10.48 -14.45 -7.14
C ASN B 162 -10.44 -14.28 -8.65
N ASN B 163 -9.28 -13.85 -9.15
CA ASN B 163 -8.98 -13.77 -10.58
C ASN B 163 -10.07 -13.00 -11.33
N PHE B 164 -10.07 -11.68 -11.15
CA PHE B 164 -10.95 -10.78 -11.87
C PHE B 164 -10.13 -9.67 -12.51
N TYR B 165 -10.70 -9.03 -13.52
CA TYR B 165 -10.09 -7.85 -14.15
C TYR B 165 -11.21 -6.96 -14.69
N PRO B 166 -11.08 -5.63 -14.55
CA PRO B 166 -10.00 -4.87 -13.93
C PRO B 166 -10.03 -4.81 -12.41
N LYS B 167 -9.00 -4.18 -11.84
CA LYS B 167 -8.82 -4.16 -10.39
C LYS B 167 -10.04 -3.59 -9.69
N ASP B 168 -10.65 -2.55 -10.26
CA ASP B 168 -11.79 -1.89 -9.63
C ASP B 168 -12.91 -2.88 -9.35
N ILE B 169 -13.31 -2.97 -8.08
CA ILE B 169 -14.35 -3.90 -7.65
C ILE B 169 -14.94 -3.36 -6.36
N ASN B 170 -16.17 -3.78 -6.06
CA ASN B 170 -16.89 -3.29 -4.90
C ASN B 170 -17.48 -4.47 -4.15
N VAL B 171 -17.09 -4.63 -2.88
CA VAL B 171 -17.61 -5.67 -2.02
C VAL B 171 -18.48 -5.04 -0.94
N LYS B 172 -19.63 -5.65 -0.69
CA LYS B 172 -20.55 -5.19 0.33
C LYS B 172 -20.97 -6.38 1.17
N TRP B 173 -20.95 -6.20 2.48
CA TRP B 173 -21.38 -7.22 3.42
C TRP B 173 -22.79 -6.91 3.90
N LYS B 174 -23.62 -7.94 4.00
CA LYS B 174 -24.97 -7.79 4.53
C LYS B 174 -25.19 -8.84 5.60
N ILE B 175 -25.76 -8.44 6.73
CA ILE B 175 -26.16 -9.35 7.79
C ILE B 175 -27.67 -9.24 7.94
N ASP B 176 -28.36 -10.34 7.68
CA ASP B 176 -29.83 -10.37 7.67
C ASP B 176 -30.40 -9.33 6.70
N GLY B 177 -29.72 -9.15 5.56
CA GLY B 177 -30.17 -8.24 4.55
C GLY B 177 -29.81 -6.77 4.75
N SER B 178 -29.10 -6.45 5.84
CA SER B 178 -28.73 -5.07 6.15
C SER B 178 -27.22 -4.92 5.99
N GLU B 179 -26.81 -3.89 5.24
CA GLU B 179 -25.39 -3.68 4.96
C GLU B 179 -24.62 -3.40 6.25
N ARG B 180 -23.41 -3.94 6.32
CA ARG B 180 -22.51 -3.77 7.46
C ARG B 180 -21.22 -3.14 6.96
N GLN B 181 -20.94 -1.91 7.40
CA GLN B 181 -19.72 -1.21 7.03
C GLN B 181 -18.60 -1.38 8.04
N ASN B 182 -18.93 -1.40 9.33
CA ASN B 182 -17.92 -1.43 10.38
C ASN B 182 -17.22 -2.78 10.45
N GLY B 183 -15.90 -2.75 10.60
CA GLY B 183 -15.14 -3.94 10.85
C GLY B 183 -14.84 -4.81 9.64
N VAL B 184 -14.72 -4.19 8.47
CA VAL B 184 -14.44 -4.92 7.23
C VAL B 184 -13.07 -4.50 6.71
N LEU B 185 -12.17 -5.47 6.56
CA LEU B 185 -10.82 -5.26 6.04
C LEU B 185 -10.69 -5.96 4.70
N ASN B 186 -10.22 -5.22 3.69
CA ASN B 186 -10.06 -5.74 2.33
C ASN B 186 -8.59 -5.72 1.94
N SER B 187 -8.09 -6.85 1.42
CA SER B 187 -6.73 -6.93 0.93
C SER B 187 -6.70 -7.41 -0.52
N TRP B 188 -6.03 -6.66 -1.38
CA TRP B 188 -5.84 -6.99 -2.79
C TRP B 188 -4.45 -7.56 -3.04
N THR B 189 -4.37 -8.54 -3.92
CA THR B 189 -3.07 -8.90 -4.47
C THR B 189 -2.68 -7.87 -5.54
N ASP B 190 -1.44 -7.98 -6.00
CA ASP B 190 -1.07 -7.24 -7.20
C ASP B 190 -1.44 -8.07 -8.44
N GLN B 191 -1.27 -7.48 -9.62
CA GLN B 191 -1.50 -8.19 -10.88
C GLN B 191 -0.69 -9.48 -10.92
N ASP B 192 -1.32 -10.56 -11.38
CA ASP B 192 -0.77 -11.91 -11.18
C ASP B 192 0.54 -12.13 -11.93
N SER B 193 0.72 -11.52 -13.09
CA SER B 193 1.84 -11.67 -14.01
C SER B 193 1.74 -12.95 -14.85
N LYS B 194 0.90 -13.92 -14.46
CA LYS B 194 0.56 -15.05 -15.31
C LYS B 194 -0.81 -14.88 -15.96
N ASP B 195 -1.83 -14.53 -15.16
CA ASP B 195 -3.18 -14.27 -15.64
C ASP B 195 -3.42 -12.82 -15.99
N SER B 196 -2.65 -11.91 -15.40
CA SER B 196 -2.95 -10.47 -15.38
C SER B 196 -4.24 -10.17 -14.65
N THR B 197 -4.67 -11.04 -13.75
CA THR B 197 -5.85 -10.81 -12.92
C THR B 197 -5.45 -10.37 -11.51
N TYR B 198 -6.43 -9.85 -10.80
CA TYR B 198 -6.31 -9.54 -9.38
C TYR B 198 -7.17 -10.49 -8.57
N SER B 199 -6.72 -10.74 -7.34
CA SER B 199 -7.52 -11.42 -6.33
C SER B 199 -7.58 -10.52 -5.10
N MET B 200 -8.73 -10.49 -4.44
CA MET B 200 -8.89 -9.68 -3.24
C MET B 200 -9.59 -10.51 -2.17
N SER B 201 -9.34 -10.13 -0.92
CA SER B 201 -9.90 -10.78 0.25
C SER B 201 -10.71 -9.77 1.05
N SER B 202 -11.89 -10.18 1.49
CA SER B 202 -12.75 -9.33 2.33
C SER B 202 -13.08 -10.09 3.61
N THR B 203 -12.78 -9.49 4.75
CA THR B 203 -12.99 -10.14 6.03
C THR B 203 -13.82 -9.26 6.95
N LEU B 204 -14.93 -9.82 7.43
CA LEU B 204 -15.83 -9.16 8.36
C LEU B 204 -15.66 -9.82 9.72
N THR B 205 -15.06 -9.09 10.66
CA THR B 205 -14.75 -9.62 11.98
C THR B 205 -15.79 -9.14 12.98
N LEU B 206 -16.51 -10.07 13.58
CA LEU B 206 -17.45 -9.79 14.67
C LEU B 206 -16.93 -10.39 15.96
N THR B 207 -17.59 -10.04 17.06
CA THR B 207 -17.42 -10.85 18.26
C THR B 207 -18.26 -12.11 18.14
N LYS B 208 -17.88 -13.14 18.91
CA LYS B 208 -18.65 -14.37 18.89
C LYS B 208 -20.08 -14.15 19.34
N ASP B 209 -20.28 -13.22 20.29
CA ASP B 209 -21.61 -13.02 20.83
C ASP B 209 -22.57 -12.48 19.77
N GLU B 210 -22.14 -11.48 19.00
CA GLU B 210 -23.02 -10.88 18.00
C GLU B 210 -23.09 -11.68 16.71
N TYR B 211 -22.13 -12.59 16.47
CA TYR B 211 -22.22 -13.46 15.31
C TYR B 211 -23.39 -14.43 15.46
N GLU B 212 -23.53 -15.03 16.65
CA GLU B 212 -24.67 -15.89 16.94
C GLU B 212 -25.98 -15.11 17.02
N ARG B 213 -25.93 -13.78 17.06
CA ARG B 213 -27.13 -12.96 17.12
C ARG B 213 -27.83 -12.85 15.77
N HIS B 214 -27.20 -13.33 14.70
CA HIS B 214 -27.74 -13.20 13.36
C HIS B 214 -27.62 -14.55 12.66
N ASN B 215 -28.36 -14.70 11.56
CA ASN B 215 -28.44 -16.00 10.90
C ASN B 215 -28.14 -15.99 9.40
N SER B 216 -28.06 -14.83 8.77
CA SER B 216 -27.84 -14.73 7.33
C SER B 216 -26.65 -13.84 7.07
N TYR B 217 -25.59 -14.38 6.47
CA TYR B 217 -24.38 -13.62 6.19
C TYR B 217 -24.13 -13.64 4.69
N THR B 218 -24.09 -12.45 4.11
CA THR B 218 -24.05 -12.31 2.66
C THR B 218 -22.83 -11.52 2.22
N CYS B 219 -22.13 -12.10 1.25
CA CYS B 219 -21.07 -11.42 0.52
C CYS B 219 -21.54 -11.02 -0.86
N GLU B 220 -21.60 -9.72 -1.10
CA GLU B 220 -22.11 -9.19 -2.35
C GLU B 220 -20.99 -8.43 -3.05
N ALA B 221 -20.77 -8.76 -4.33
CA ALA B 221 -19.68 -8.20 -5.10
C ALA B 221 -20.23 -7.54 -6.36
N THR B 222 -19.95 -6.25 -6.53
CA THR B 222 -20.32 -5.52 -7.73
C THR B 222 -19.09 -5.30 -8.61
N HIS B 223 -19.19 -5.69 -9.88
CA HIS B 223 -18.07 -5.58 -10.79
C HIS B 223 -18.58 -5.18 -12.17
N LYS B 224 -17.69 -4.56 -12.96
CA LYS B 224 -18.06 -4.09 -14.29
C LYS B 224 -18.50 -5.23 -15.21
N THR B 225 -18.06 -6.46 -14.94
CA THR B 225 -18.41 -7.60 -15.80
C THR B 225 -19.86 -8.03 -15.66
N SER B 226 -20.68 -7.35 -14.86
CA SER B 226 -22.08 -7.74 -14.74
C SER B 226 -22.93 -6.55 -14.36
N THR B 227 -24.15 -6.56 -14.85
CA THR B 227 -25.15 -5.61 -14.40
C THR B 227 -25.59 -5.90 -12.97
N SER B 228 -25.57 -7.18 -12.57
CA SER B 228 -26.04 -7.66 -11.28
C SER B 228 -24.87 -8.14 -10.43
N PRO B 229 -24.90 -7.87 -9.13
CA PRO B 229 -23.79 -8.31 -8.27
C PRO B 229 -23.77 -9.82 -8.08
N ILE B 230 -22.56 -10.38 -8.06
CA ILE B 230 -22.40 -11.76 -7.62
C ILE B 230 -22.64 -11.83 -6.12
N VAL B 231 -23.57 -12.67 -5.69
CA VAL B 231 -23.98 -12.74 -4.29
C VAL B 231 -23.77 -14.17 -3.80
N LYS B 232 -22.86 -14.34 -2.85
CA LYS B 232 -22.64 -15.60 -2.17
C LYS B 232 -23.01 -15.43 -0.69
N SER B 233 -23.69 -16.43 -0.13
CA SER B 233 -24.13 -16.33 1.25
C SER B 233 -24.27 -17.72 1.84
N PHE B 234 -24.44 -17.76 3.16
CA PHE B 234 -24.73 -18.98 3.90
C PHE B 234 -25.68 -18.61 5.03
N ASN B 235 -26.30 -19.63 5.61
CA ASN B 235 -27.25 -19.43 6.71
C ASN B 235 -26.73 -20.13 7.96
N ARG B 236 -26.43 -19.34 8.99
CA ARG B 236 -25.91 -19.85 10.25
C ARG B 236 -26.86 -20.85 10.89
#